data_4MIK
#
_entry.id   4MIK
#
_cell.length_a   94.664
_cell.length_b   94.664
_cell.length_c   188.460
_cell.angle_alpha   90.00
_cell.angle_beta   90.00
_cell.angle_gamma   90.00
#
_symmetry.space_group_name_H-M   'P 43 21 2'
#
loop_
_entity.id
_entity.type
_entity.pdbx_description
1 polymer 'Phenylethanolamine N-methyltransferase'
2 non-polymer 9-{5-S-[2-({[(3S)-7-nitro-1,2,3,4-tetrahydroisoquinolin-3-yl]methyl}amino)ethyl]-5-thio-alpha-L-lyxofuranosyl}-9H-purin-6-amine
3 non-polymer 2-AMINO-2-HYDROXYMETHYL-PROPANE-1,3-DIOL
4 water water
#
_entity_poly.entity_id   1
_entity_poly.type   'polypeptide(L)'
_entity_poly.pdbx_seq_one_letter_code
;MSGADRSPNAGAAPDSAPGQAAVASAYQRFEPRAYLRNNYAPPRGDLCNPNGVGPWKLRCLAQTFATGEVSGRTLIDIGS
GPTVYQLLSACSHFEDITMTDFLEVNRQELGRWLQEEPGAFNWSMYSQHACLIEGKGECWQDKERQLRARVKRVLPIDVH
QPQPLGAGSPAPLPADALVSAFCLEAVSPDLASFQRALDHITTLLRPGGHLLLIGALEESWYLAGEARLTVVPVSEEEVR
EALVRSGYKVRDLRTYIMPAHLQTGVDDVKGVFFAWAQKVGLEHHHHHH
;
_entity_poly.pdbx_strand_id   A,B
#
loop_
_chem_comp.id
_chem_comp.type
_chem_comp.name
_chem_comp.formula
JIL non-polymer 9-{5-S-[2-({[(3S)-7-nitro-1,2,3,4-tetrahydroisoquinolin-3-yl]methyl}amino)ethyl]-5-thio-alpha-L-lyxofuranosyl}-9H-purin-6-amine 'C22 H28 N8 O5 S'
TRS non-polymer 2-AMINO-2-HYDROXYMETHYL-PROPANE-1,3-DIOL 'C4 H12 N O3 1'
#
# COMPACT_ATOMS: atom_id res chain seq x y z
N ALA A 26 17.38 27.81 21.72
CA ALA A 26 16.39 27.97 20.65
C ALA A 26 15.78 26.62 20.30
N TYR A 27 16.64 25.69 19.91
CA TYR A 27 16.20 24.31 19.76
C TYR A 27 15.71 23.74 21.07
N GLN A 28 15.93 24.45 22.17
CA GLN A 28 15.51 23.95 23.46
C GLN A 28 13.99 24.00 23.62
N ARG A 29 13.31 24.80 22.79
CA ARG A 29 11.85 24.82 22.79
C ARG A 29 11.22 24.03 21.62
N PHE A 30 12.06 23.37 20.82
CA PHE A 30 11.60 22.56 19.66
C PHE A 30 10.64 21.48 20.11
N GLU A 31 9.42 21.46 19.57
CA GLU A 31 8.43 20.45 19.93
C GLU A 31 8.27 19.44 18.75
N PRO A 32 8.76 18.21 18.93
CA PRO A 32 8.63 17.17 17.87
C PRO A 32 7.23 17.04 17.31
N ARG A 33 6.20 17.08 18.16
CA ARG A 33 4.86 16.80 17.64
C ARG A 33 4.38 17.95 16.77
N ALA A 34 4.78 19.18 17.11
CA ALA A 34 4.43 20.34 16.29
C ALA A 34 5.14 20.27 14.95
N TYR A 35 6.43 19.96 14.98
CA TYR A 35 7.19 19.79 13.76
C TYR A 35 6.61 18.70 12.82
N LEU A 36 6.28 17.56 13.39
CA LEU A 36 5.65 16.48 12.61
C LEU A 36 4.35 16.94 12.00
N ARG A 37 3.54 17.64 12.79
CA ARG A 37 2.27 18.14 12.30
C ARG A 37 2.44 19.16 11.15
N ASN A 38 3.44 20.01 11.30
CA ASN A 38 3.69 21.05 10.31
C ASN A 38 4.19 20.53 8.99
N ASN A 39 4.96 19.44 9.04
CA ASN A 39 5.67 18.99 7.85
C ASN A 39 5.30 17.60 7.32
N TYR A 40 4.70 16.78 8.17
CA TYR A 40 4.44 15.38 7.82
C TYR A 40 2.99 14.99 8.07
N ALA A 41 2.13 15.99 8.23
CA ALA A 41 0.68 15.79 8.20
C ALA A 41 0.17 16.74 7.11
N PRO A 42 -1.08 16.55 6.66
CA PRO A 42 -1.49 17.32 5.48
C PRO A 42 -1.49 18.85 5.69
N PRO A 43 -1.31 19.63 4.61
CA PRO A 43 -1.11 19.26 3.20
C PRO A 43 0.27 18.71 2.83
N ARG A 44 1.32 19.14 3.52
CA ARG A 44 2.67 18.72 3.11
C ARG A 44 2.87 17.23 3.23
N GLY A 45 2.16 16.59 4.17
CA GLY A 45 2.21 15.16 4.32
C GLY A 45 1.14 14.39 3.57
N ASP A 46 0.46 15.02 2.61
CA ASP A 46 -0.43 14.27 1.73
C ASP A 46 0.45 13.62 0.69
N LEU A 47 0.32 12.31 0.55
CA LEU A 47 1.15 11.59 -0.39
C LEU A 47 0.38 11.16 -1.64
N CYS A 48 -0.91 11.45 -1.66
CA CYS A 48 -1.73 11.06 -2.79
C CYS A 48 -1.38 11.74 -4.09
N ASN A 49 -1.17 13.04 -4.07
CA ASN A 49 -0.77 13.76 -5.28
C ASN A 49 0.71 13.57 -5.54
N PRO A 50 1.07 13.01 -6.71
CA PRO A 50 2.50 12.77 -6.94
C PRO A 50 3.32 14.04 -7.19
N ASN A 51 2.68 15.18 -7.28
CA ASN A 51 3.39 16.48 -7.40
C ASN A 51 3.72 17.17 -6.08
N GLY A 52 3.44 16.51 -4.96
CA GLY A 52 3.79 17.04 -3.64
C GLY A 52 5.25 16.81 -3.25
N VAL A 53 5.67 17.44 -2.17
CA VAL A 53 7.03 17.39 -1.75
C VAL A 53 7.39 16.02 -1.13
N GLY A 54 6.45 15.41 -0.41
CA GLY A 54 6.72 14.10 0.17
C GLY A 54 7.03 13.07 -0.88
N PRO A 55 6.15 12.96 -1.89
CA PRO A 55 6.46 12.03 -2.96
C PRO A 55 7.73 12.32 -3.73
N TRP A 56 8.00 13.60 -3.97
CA TRP A 56 9.26 13.97 -4.58
C TRP A 56 10.49 13.52 -3.75
N LYS A 57 10.49 13.73 -2.43
CA LYS A 57 11.61 13.29 -1.61
C LYS A 57 11.79 11.77 -1.64
N LEU A 58 10.68 11.04 -1.52
CA LEU A 58 10.73 9.58 -1.50
C LEU A 58 11.28 9.06 -2.82
N ARG A 59 10.89 9.68 -3.94
CA ARG A 59 11.38 9.32 -5.25
C ARG A 59 12.87 9.57 -5.40
N CYS A 60 13.35 10.74 -4.99
CA CYS A 60 14.79 10.98 -5.04
C CYS A 60 15.56 9.86 -4.32
N LEU A 61 15.10 9.50 -3.14
N LEU A 61 15.08 9.48 -3.16
CA LEU A 61 15.81 8.51 -2.34
CA LEU A 61 15.80 8.50 -2.34
C LEU A 61 15.74 7.11 -2.99
N ALA A 62 14.53 6.71 -3.40
CA ALA A 62 14.32 5.42 -4.08
C ALA A 62 15.13 5.28 -5.37
N GLN A 63 15.08 6.28 -6.24
CA GLN A 63 15.81 6.22 -7.50
C GLN A 63 17.31 6.13 -7.27
N THR A 64 17.78 6.79 -6.21
CA THR A 64 19.21 6.80 -5.94
C THR A 64 19.67 5.42 -5.49
N PHE A 65 19.01 4.84 -4.50
CA PHE A 65 19.38 3.52 -4.03
C PHE A 65 19.12 2.46 -5.10
N ALA A 66 18.14 2.67 -5.97
CA ALA A 66 17.83 1.70 -7.04
C ALA A 66 18.99 1.56 -8.03
N THR A 67 19.91 2.53 -8.05
CA THR A 67 21.06 2.45 -8.94
C THR A 67 22.03 1.32 -8.58
N GLY A 68 22.01 0.91 -7.32
CA GLY A 68 22.96 -0.06 -6.80
C GLY A 68 24.29 0.52 -6.36
N GLU A 69 24.56 1.80 -6.66
CA GLU A 69 25.88 2.36 -6.43
C GLU A 69 26.09 2.79 -4.98
N VAL A 70 25.01 2.85 -4.21
CA VAL A 70 25.08 3.26 -2.82
C VAL A 70 24.80 2.09 -1.91
N SER A 71 25.88 1.54 -1.37
CA SER A 71 25.85 0.24 -0.73
C SER A 71 26.98 0.16 0.27
N GLY A 72 26.89 -0.82 1.15
CA GLY A 72 27.90 -1.00 2.18
C GLY A 72 27.25 -1.71 3.36
N ARG A 73 27.92 -1.65 4.51
CA ARG A 73 27.43 -2.31 5.70
C ARG A 73 26.77 -1.32 6.64
N THR A 74 27.33 -0.10 6.73
CA THR A 74 26.91 0.84 7.76
C THR A 74 26.53 2.24 7.24
N LEU A 75 25.51 2.82 7.87
CA LEU A 75 24.98 4.12 7.54
C LEU A 75 24.62 4.91 8.77
N ILE A 76 24.83 6.18 8.71
CA ILE A 76 24.43 7.09 9.76
C ILE A 76 23.48 8.12 9.15
N ASP A 77 22.37 8.33 9.84
CA ASP A 77 21.44 9.40 9.52
C ASP A 77 21.77 10.57 10.45
N ILE A 78 22.14 11.69 9.85
CA ILE A 78 22.55 12.91 10.59
C ILE A 78 21.37 13.82 10.84
N GLY A 79 21.08 14.06 12.11
CA GLY A 79 20.01 14.99 12.44
C GLY A 79 18.64 14.46 12.04
N SER A 80 18.38 13.22 12.40
CA SER A 80 17.14 12.51 12.10
C SER A 80 15.91 13.25 12.58
N GLY A 81 16.06 14.04 13.64
CA GLY A 81 14.88 14.58 14.30
C GLY A 81 13.93 13.44 14.68
N PRO A 82 12.63 13.68 14.65
CA PRO A 82 11.62 12.65 14.96
C PRO A 82 11.11 11.90 13.72
N THR A 83 11.91 11.83 12.66
CA THR A 83 11.42 11.26 11.39
C THR A 83 12.20 10.04 10.95
N VAL A 84 11.53 9.13 10.22
CA VAL A 84 12.21 7.96 9.69
C VAL A 84 12.06 7.77 8.17
N TYR A 85 11.26 8.58 7.52
CA TYR A 85 10.99 8.44 6.11
C TYR A 85 12.25 8.43 5.30
N GLN A 86 13.25 9.18 5.75
CA GLN A 86 14.48 9.33 4.99
C GLN A 86 15.33 8.04 4.93
N LEU A 87 14.94 7.03 5.69
CA LEU A 87 15.64 5.74 5.69
C LEU A 87 14.81 4.57 5.10
N LEU A 88 13.61 4.84 4.60
CA LEU A 88 12.78 3.76 4.10
C LEU A 88 13.35 3.03 2.90
N SER A 89 13.89 3.75 1.93
CA SER A 89 14.56 3.10 0.83
C SER A 89 16.00 2.69 1.18
N ALA A 90 16.63 3.40 2.11
CA ALA A 90 18.02 3.10 2.47
C ALA A 90 18.17 1.74 3.16
N CYS A 91 17.17 1.37 3.95
CA CYS A 91 17.35 0.31 4.92
C CYS A 91 17.60 -1.08 4.31
N SER A 92 17.20 -1.31 3.07
CA SER A 92 17.46 -2.61 2.44
C SER A 92 18.85 -2.69 1.79
N HIS A 93 19.66 -1.65 1.94
CA HIS A 93 21.02 -1.66 1.39
C HIS A 93 22.08 -1.57 2.47
N PHE A 94 21.67 -1.39 3.72
CA PHE A 94 22.60 -1.23 4.83
C PHE A 94 22.13 -1.98 6.06
N GLU A 95 22.93 -2.95 6.49
CA GLU A 95 22.54 -3.79 7.63
C GLU A 95 22.74 -3.15 9.01
N ASP A 96 23.55 -2.10 9.11
CA ASP A 96 23.75 -1.42 10.39
C ASP A 96 23.47 0.08 10.24
N ILE A 97 22.43 0.55 10.90
CA ILE A 97 22.01 1.93 10.74
C ILE A 97 22.05 2.62 12.09
N THR A 98 22.68 3.79 12.09
CA THR A 98 22.70 4.68 13.25
C THR A 98 21.85 5.89 12.94
N MET A 99 20.88 6.19 13.80
CA MET A 99 20.12 7.43 13.69
C MET A 99 20.66 8.38 14.75
N THR A 100 20.51 9.69 14.52
CA THR A 100 21.08 10.68 15.41
C THR A 100 20.21 11.93 15.53
N ASP A 101 20.19 12.50 16.72
CA ASP A 101 19.73 13.88 16.85
C ASP A 101 20.32 14.61 18.05
N PHE A 102 20.34 15.93 17.92
CA PHE A 102 20.88 16.80 18.95
C PHE A 102 20.00 16.77 20.17
N LEU A 103 18.70 16.59 19.98
CA LEU A 103 17.75 16.69 21.07
C LEU A 103 17.22 15.37 21.61
N GLU A 104 17.33 15.19 22.93
CA GLU A 104 16.73 14.04 23.62
C GLU A 104 15.25 13.81 23.28
N VAL A 105 14.47 14.88 23.16
CA VAL A 105 13.04 14.71 22.91
C VAL A 105 12.81 14.09 21.53
N ASN A 106 13.71 14.35 20.58
CA ASN A 106 13.60 13.74 19.26
C ASN A 106 14.02 12.30 19.31
N ARG A 107 15.09 12.04 20.04
CA ARG A 107 15.57 10.70 20.26
C ARG A 107 14.53 9.80 20.94
N GLN A 108 13.69 10.38 21.80
CA GLN A 108 12.62 9.61 22.45
C GLN A 108 11.50 9.36 21.49
N GLU A 109 11.20 10.34 20.65
CA GLU A 109 10.11 10.17 19.68
C GLU A 109 10.51 9.06 18.69
N LEU A 110 11.77 9.05 18.27
CA LEU A 110 12.26 7.95 17.43
C LEU A 110 12.12 6.60 18.11
N GLY A 111 12.46 6.59 19.39
CA GLY A 111 12.41 5.39 20.19
C GLY A 111 11.01 4.84 20.27
N ARG A 112 10.03 5.73 20.40
CA ARG A 112 8.64 5.29 20.46
C ARG A 112 8.22 4.56 19.18
N TRP A 113 8.72 5.01 18.03
CA TRP A 113 8.41 4.39 16.77
C TRP A 113 9.21 3.12 16.57
N LEU A 114 10.50 3.17 16.88
CA LEU A 114 11.32 1.98 16.70
C LEU A 114 10.85 0.79 17.57
N GLN A 115 10.42 1.06 18.81
CA GLN A 115 10.01 0.00 19.74
C GLN A 115 8.50 -0.21 19.71
N GLU A 116 7.82 0.37 18.74
CA GLU A 116 6.38 0.19 18.59
C GLU A 116 5.63 0.52 19.88
N GLU A 117 6.07 1.58 20.56
CA GLU A 117 5.49 2.01 21.84
C GLU A 117 4.22 2.83 21.64
N PRO A 118 3.53 3.18 22.75
CA PRO A 118 2.31 4.01 22.72
C PRO A 118 2.51 5.44 22.20
N GLY A 119 1.61 5.84 21.31
CA GLY A 119 1.56 7.20 20.82
C GLY A 119 2.67 7.52 19.85
N ALA A 120 3.32 6.49 19.30
CA ALA A 120 4.33 6.69 18.27
C ALA A 120 3.67 7.34 17.06
N PHE A 121 4.42 8.14 16.33
CA PHE A 121 3.92 8.72 15.10
C PHE A 121 3.62 7.59 14.12
N ASN A 122 2.58 7.80 13.33
CA ASN A 122 2.21 6.84 12.29
C ASN A 122 2.89 7.20 10.97
N TRP A 123 3.95 6.46 10.64
CA TRP A 123 4.66 6.61 9.37
C TRP A 123 4.14 5.70 8.24
N SER A 124 3.04 5.00 8.47
CA SER A 124 2.65 3.94 7.55
C SER A 124 2.32 4.45 6.15
N MET A 125 1.81 5.67 6.04
CA MET A 125 1.56 6.20 4.69
C MET A 125 2.87 6.36 3.90
N TYR A 126 3.96 6.76 4.59
CA TYR A 126 5.26 6.92 3.94
C TYR A 126 5.85 5.55 3.56
N SER A 127 5.72 4.58 4.47
CA SER A 127 6.15 3.21 4.23
C SER A 127 5.46 2.61 3.02
N GLN A 128 4.15 2.81 2.96
CA GLN A 128 3.35 2.33 1.83
C GLN A 128 3.81 2.98 0.54
N HIS A 129 4.07 4.30 0.58
CA HIS A 129 4.49 4.99 -0.63
C HIS A 129 5.87 4.62 -1.09
N ALA A 130 6.78 4.43 -0.15
CA ALA A 130 8.08 3.90 -0.50
C ALA A 130 7.97 2.54 -1.18
N CYS A 131 7.12 1.67 -0.66
CA CYS A 131 6.90 0.37 -1.32
C CYS A 131 6.38 0.52 -2.75
N LEU A 132 5.40 1.40 -2.95
CA LEU A 132 4.83 1.69 -4.26
C LEU A 132 5.89 2.19 -5.24
N ILE A 133 6.69 3.13 -4.77
CA ILE A 133 7.73 3.71 -5.60
C ILE A 133 8.83 2.72 -5.94
N GLU A 134 9.21 1.86 -5.01
CA GLU A 134 10.35 1.00 -5.21
C GLU A 134 10.05 -0.06 -6.24
N GLY A 135 8.77 -0.45 -6.33
CA GLY A 135 8.30 -1.33 -7.40
C GLY A 135 8.65 -2.80 -7.26
N LYS A 136 8.94 -3.25 -6.05
CA LYS A 136 9.39 -4.62 -5.83
C LYS A 136 8.27 -5.50 -5.29
N GLY A 137 7.06 -4.96 -5.24
CA GLY A 137 5.94 -5.64 -4.62
C GLY A 137 6.04 -5.87 -3.13
N GLU A 138 6.86 -5.10 -2.42
CA GLU A 138 7.04 -5.35 -1.00
C GLU A 138 5.89 -4.78 -0.19
N CYS A 139 5.44 -5.46 0.84
CA CYS A 139 4.43 -4.95 1.75
C CYS A 139 4.99 -3.98 2.76
N TRP A 140 4.20 -3.02 3.17
CA TRP A 140 4.74 -1.95 3.99
C TRP A 140 5.12 -2.42 5.39
N GLN A 141 4.42 -3.43 5.93
CA GLN A 141 4.79 -4.00 7.22
C GLN A 141 6.15 -4.67 7.21
N ASP A 142 6.50 -5.33 6.10
CA ASP A 142 7.85 -5.87 5.96
C ASP A 142 8.92 -4.77 5.87
N LYS A 143 8.60 -3.66 5.22
CA LYS A 143 9.54 -2.54 5.13
C LYS A 143 9.82 -1.95 6.51
N GLU A 144 8.77 -1.74 7.29
CA GLU A 144 8.94 -1.17 8.61
C GLU A 144 9.69 -2.12 9.50
N ARG A 145 9.45 -3.42 9.31
CA ARG A 145 10.12 -4.44 10.08
C ARG A 145 11.61 -4.40 9.77
N GLN A 146 11.97 -4.34 8.50
CA GLN A 146 13.39 -4.25 8.14
C GLN A 146 14.04 -2.97 8.68
N LEU A 147 13.35 -1.84 8.61
CA LEU A 147 13.95 -0.59 9.07
C LEU A 147 14.24 -0.74 10.57
N ARG A 148 13.25 -1.24 11.31
CA ARG A 148 13.40 -1.36 12.76
C ARG A 148 14.52 -2.33 13.13
N ALA A 149 14.72 -3.36 12.32
CA ALA A 149 15.71 -4.37 12.61
C ALA A 149 17.10 -3.79 12.40
N ARG A 150 17.24 -2.96 11.37
CA ARG A 150 18.55 -2.49 10.96
C ARG A 150 19.01 -1.24 11.70
N VAL A 151 18.09 -0.51 12.32
CA VAL A 151 18.50 0.61 13.19
C VAL A 151 18.97 0.04 14.53
N LYS A 152 20.28 0.11 14.75
CA LYS A 152 20.90 -0.54 15.90
C LYS A 152 21.00 0.40 17.09
N ARG A 153 21.01 1.69 16.85
CA ARG A 153 21.16 2.66 17.91
C ARG A 153 20.70 4.06 17.46
N VAL A 154 20.28 4.86 18.43
CA VAL A 154 19.99 6.28 18.24
C VAL A 154 20.88 7.14 19.19
N LEU A 155 21.78 7.94 18.63
CA LEU A 155 22.79 8.67 19.42
C LEU A 155 22.69 10.19 19.41
N PRO A 156 23.17 10.84 20.48
CA PRO A 156 23.34 12.30 20.41
C PRO A 156 24.31 12.69 19.31
N ILE A 157 24.19 13.91 18.80
CA ILE A 157 25.09 14.41 17.77
C ILE A 157 25.06 15.94 17.81
N ASP A 158 26.19 16.55 17.47
CA ASP A 158 26.28 18.00 17.33
C ASP A 158 27.21 18.27 16.17
N VAL A 159 26.64 18.62 15.03
CA VAL A 159 27.41 18.81 13.81
C VAL A 159 28.35 20.02 13.90
N HIS A 160 28.18 20.84 14.94
CA HIS A 160 29.07 21.98 15.18
C HIS A 160 30.40 21.55 15.79
N GLN A 161 30.47 20.32 16.29
CA GLN A 161 31.71 19.79 16.85
C GLN A 161 32.53 19.12 15.76
N PRO A 162 33.86 19.34 15.76
CA PRO A 162 34.78 18.65 14.83
C PRO A 162 34.61 17.14 14.85
N GLN A 163 34.18 16.59 15.97
CA GLN A 163 33.76 15.18 16.03
C GLN A 163 32.29 15.14 16.43
N PRO A 164 31.38 15.16 15.44
CA PRO A 164 29.96 15.34 15.76
C PRO A 164 29.40 14.34 16.76
N LEU A 165 29.94 13.13 16.74
CA LEU A 165 29.46 12.06 17.63
C LEU A 165 30.30 11.89 18.91
N GLY A 166 31.23 12.81 19.15
CA GLY A 166 32.15 12.67 20.28
C GLY A 166 33.20 11.60 19.98
N ALA A 167 34.07 11.36 20.96
CA ALA A 167 35.11 10.35 20.81
C ALA A 167 34.60 9.01 21.32
N GLY A 168 34.99 7.93 20.63
CA GLY A 168 34.64 6.60 21.04
C GLY A 168 33.13 6.39 21.18
N SER A 169 32.40 6.72 20.12
CA SER A 169 30.96 6.48 20.10
C SER A 169 30.73 5.05 19.61
N PRO A 170 29.57 4.47 19.98
CA PRO A 170 29.23 3.10 19.57
C PRO A 170 29.05 2.95 18.07
N ALA A 171 29.01 4.07 17.34
CA ALA A 171 28.78 4.02 15.91
C ALA A 171 30.01 3.48 15.18
N PRO A 172 29.82 2.49 14.29
CA PRO A 172 30.99 2.07 13.50
C PRO A 172 31.49 3.21 12.63
N LEU A 173 32.78 3.50 12.67
CA LEU A 173 33.37 4.53 11.84
C LEU A 173 34.61 4.01 11.14
N PRO A 174 34.86 4.48 9.91
CA PRO A 174 34.00 5.42 9.17
C PRO A 174 32.76 4.72 8.60
N ALA A 175 31.72 5.49 8.31
CA ALA A 175 30.49 4.95 7.73
C ALA A 175 30.68 4.76 6.24
N ASP A 176 29.89 3.87 5.65
CA ASP A 176 29.91 3.69 4.21
C ASP A 176 29.03 4.73 3.50
N ALA A 177 28.07 5.25 4.24
CA ALA A 177 27.13 6.24 3.69
C ALA A 177 26.56 7.11 4.80
N LEU A 178 26.20 8.33 4.43
CA LEU A 178 25.46 9.24 5.32
C LEU A 178 24.18 9.67 4.62
N VAL A 179 23.16 9.92 5.43
CA VAL A 179 21.95 10.55 4.96
C VAL A 179 21.72 11.72 5.90
N SER A 180 21.32 12.85 5.34
CA SER A 180 20.96 13.97 6.19
C SER A 180 19.93 14.81 5.51
N ALA A 181 18.79 15.01 6.17
CA ALA A 181 17.69 15.76 5.58
C ALA A 181 17.31 16.91 6.48
N PHE A 182 17.42 18.12 5.93
CA PHE A 182 16.95 19.32 6.58
C PHE A 182 17.65 19.60 7.90
N CYS A 183 18.93 19.31 8.02
CA CYS A 183 19.62 19.54 9.29
C CYS A 183 20.62 20.70 9.15
N LEU A 184 21.55 20.60 8.22
CA LEU A 184 22.68 21.52 8.26
C LEU A 184 22.28 22.99 8.08
N GLU A 185 21.37 23.26 7.14
CA GLU A 185 20.98 24.65 6.91
C GLU A 185 20.10 25.15 8.06
N ALA A 186 19.44 24.22 8.73
CA ALA A 186 18.52 24.54 9.80
C ALA A 186 19.23 24.75 11.13
N VAL A 187 20.51 24.41 11.21
CA VAL A 187 21.28 24.61 12.44
C VAL A 187 22.48 25.57 12.29
N SER A 188 22.57 26.22 11.13
CA SER A 188 23.71 27.05 10.78
C SER A 188 23.23 28.49 10.53
N PRO A 189 23.83 29.48 11.23
CA PRO A 189 23.41 30.88 11.04
C PRO A 189 23.83 31.47 9.69
N ASP A 190 24.80 30.87 9.02
CA ASP A 190 25.26 31.45 7.79
C ASP A 190 26.00 30.44 6.97
N LEU A 191 26.36 30.84 5.76
CA LEU A 191 26.98 29.93 4.82
C LEU A 191 28.29 29.33 5.35
N ALA A 192 29.05 30.14 6.09
CA ALA A 192 30.32 29.68 6.61
C ALA A 192 30.11 28.55 7.61
N SER A 193 29.11 28.70 8.48
CA SER A 193 28.81 27.68 9.46
C SER A 193 28.32 26.41 8.76
N PHE A 194 27.51 26.59 7.71
CA PHE A 194 26.95 25.46 6.97
C PHE A 194 28.06 24.65 6.39
N GLN A 195 29.02 25.34 5.77
CA GLN A 195 30.20 24.72 5.23
C GLN A 195 30.98 23.94 6.29
N ARG A 196 31.18 24.54 7.45
CA ARG A 196 31.96 23.86 8.48
C ARG A 196 31.21 22.64 8.98
N ALA A 197 29.90 22.76 9.19
CA ALA A 197 29.10 21.63 9.66
C ALA A 197 29.23 20.48 8.68
N LEU A 198 29.29 20.80 7.40
CA LEU A 198 29.42 19.78 6.37
C LEU A 198 30.82 19.12 6.40
N ASP A 199 31.85 19.94 6.57
CA ASP A 199 33.20 19.42 6.77
C ASP A 199 33.20 18.46 7.95
N HIS A 200 32.55 18.86 9.04
CA HIS A 200 32.50 18.04 10.23
C HIS A 200 31.89 16.67 10.00
N ILE A 201 30.68 16.62 9.45
CA ILE A 201 30.02 15.34 9.27
C ILE A 201 30.78 14.51 8.24
N THR A 202 31.44 15.19 7.31
CA THR A 202 32.17 14.49 6.25
C THR A 202 33.31 13.62 6.80
N THR A 203 33.81 13.96 7.99
CA THR A 203 34.84 13.14 8.65
C THR A 203 34.27 11.79 9.08
N LEU A 204 32.95 11.70 9.21
CA LEU A 204 32.30 10.44 9.58
C LEU A 204 32.24 9.46 8.41
N LEU A 205 32.54 9.95 7.22
CA LEU A 205 32.31 9.19 6.01
C LEU A 205 33.62 8.67 5.41
N ARG A 206 33.60 7.38 5.11
CA ARG A 206 34.68 6.70 4.45
C ARG A 206 34.99 7.36 3.11
N PRO A 207 36.28 7.45 2.74
CA PRO A 207 36.59 7.91 1.38
C PRO A 207 35.90 7.01 0.37
N GLY A 208 35.35 7.57 -0.69
CA GLY A 208 34.63 6.78 -1.67
C GLY A 208 33.17 6.52 -1.27
N GLY A 209 32.82 6.92 -0.05
CA GLY A 209 31.47 6.72 0.46
C GLY A 209 30.48 7.76 -0.07
N HIS A 210 29.20 7.57 0.22
CA HIS A 210 28.16 8.43 -0.35
C HIS A 210 27.44 9.27 0.70
N LEU A 211 27.13 10.50 0.33
CA LEU A 211 26.28 11.37 1.13
C LEU A 211 25.01 11.66 0.34
N LEU A 212 23.86 11.39 0.95
CA LEU A 212 22.57 11.85 0.43
C LEU A 212 22.08 12.97 1.34
N LEU A 213 22.00 14.15 0.76
CA LEU A 213 21.67 15.38 1.48
C LEU A 213 20.37 15.98 0.92
N ILE A 214 19.38 16.11 1.79
CA ILE A 214 18.16 16.81 1.46
C ILE A 214 18.08 18.09 2.31
N GLY A 215 17.60 19.17 1.72
CA GLY A 215 17.39 20.39 2.48
C GLY A 215 16.51 21.46 1.86
N ALA A 216 16.21 22.46 2.68
CA ALA A 216 15.44 23.62 2.26
C ALA A 216 16.26 24.65 1.46
N LEU A 217 15.66 25.16 0.40
CA LEU A 217 16.23 26.22 -0.41
C LEU A 217 15.60 27.56 -0.06
N GLU A 218 16.46 28.54 0.15
CA GLU A 218 16.09 29.93 0.35
C GLU A 218 15.11 30.12 1.50
N GLU A 219 15.29 29.32 2.53
CA GLU A 219 14.50 29.43 3.73
C GLU A 219 15.27 30.24 4.79
N SER A 220 14.57 31.05 5.55
CA SER A 220 15.19 31.81 6.63
C SER A 220 14.61 31.53 8.02
N TRP A 221 13.46 30.88 8.09
CA TRP A 221 12.92 30.50 9.39
C TRP A 221 11.92 29.35 9.23
N TYR A 222 11.72 28.62 10.31
CA TYR A 222 10.57 27.72 10.41
C TYR A 222 10.17 27.60 11.87
N LEU A 223 8.92 27.17 12.08
CA LEU A 223 8.34 27.00 13.40
C LEU A 223 8.23 25.55 13.79
N ALA A 224 8.40 25.32 15.09
CA ALA A 224 8.15 24.00 15.70
C ALA A 224 7.49 24.17 17.07
N GLY A 225 6.23 24.54 17.06
CA GLY A 225 5.51 24.82 18.28
C GLY A 225 6.01 26.17 18.80
N GLU A 226 6.51 26.19 20.03
CA GLU A 226 6.95 27.43 20.65
C GLU A 226 8.31 27.86 20.12
N ALA A 227 9.01 26.98 19.40
CA ALA A 227 10.29 27.34 18.83
C ALA A 227 10.15 28.02 17.49
N ARG A 228 10.86 29.13 17.36
CA ARG A 228 11.03 29.81 16.11
C ARG A 228 12.48 29.65 15.77
N LEU A 229 12.79 28.93 14.70
CA LEU A 229 14.19 28.64 14.34
C LEU A 229 14.68 29.46 13.16
N THR A 230 15.90 29.96 13.28
CA THR A 230 16.57 30.68 12.20
C THR A 230 17.27 29.68 11.27
N VAL A 231 17.21 29.94 9.97
CA VAL A 231 17.76 29.05 8.98
C VAL A 231 18.64 29.91 8.09
N VAL A 232 19.73 29.35 7.57
CA VAL A 232 20.51 30.05 6.57
C VAL A 232 19.89 29.78 5.21
N PRO A 233 19.50 30.83 4.47
CA PRO A 233 18.97 30.60 3.13
C PRO A 233 20.08 30.26 2.15
N VAL A 234 19.94 29.09 1.54
CA VAL A 234 20.92 28.60 0.58
C VAL A 234 20.30 28.37 -0.77
N SER A 235 21.13 28.53 -1.79
CA SER A 235 20.70 28.22 -3.16
C SER A 235 21.30 26.90 -3.61
N GLU A 236 20.79 26.36 -4.73
CA GLU A 236 21.34 25.15 -5.31
C GLU A 236 22.85 25.26 -5.60
N GLU A 237 23.30 26.37 -6.15
N GLU A 237 23.26 26.39 -6.16
CA GLU A 237 24.73 26.50 -6.46
CA GLU A 237 24.67 26.67 -6.46
C GLU A 237 25.57 26.61 -5.19
C GLU A 237 25.51 26.60 -5.20
N GLU A 238 25.02 27.24 -4.15
CA GLU A 238 25.71 27.28 -2.87
C GLU A 238 25.95 25.90 -2.27
N VAL A 239 24.96 25.02 -2.45
CA VAL A 239 25.05 23.68 -1.94
C VAL A 239 26.07 22.92 -2.76
N ARG A 240 26.00 23.06 -4.07
CA ARG A 240 26.96 22.41 -4.93
C ARG A 240 28.38 22.86 -4.52
N GLU A 241 28.59 24.16 -4.42
CA GLU A 241 29.92 24.71 -4.12
C GLU A 241 30.41 24.17 -2.78
N ALA A 242 29.50 24.14 -1.80
CA ALA A 242 29.83 23.60 -0.48
C ALA A 242 30.25 22.15 -0.54
N LEU A 243 29.53 21.36 -1.33
CA LEU A 243 29.91 19.97 -1.47
C LEU A 243 31.32 19.82 -2.05
N VAL A 244 31.58 20.49 -3.17
CA VAL A 244 32.88 20.41 -3.83
C VAL A 244 33.99 20.75 -2.84
N ARG A 245 33.80 21.84 -2.09
CA ARG A 245 34.78 22.29 -1.12
C ARG A 245 35.02 21.29 0.00
N SER A 246 34.00 20.50 0.34
CA SER A 246 34.18 19.51 1.39
C SER A 246 34.88 18.25 0.88
N GLY A 247 35.07 18.17 -0.44
CA GLY A 247 35.76 17.05 -1.04
C GLY A 247 34.85 16.04 -1.71
N TYR A 248 33.65 16.43 -2.12
CA TYR A 248 32.73 15.52 -2.77
C TYR A 248 32.67 15.75 -4.27
N LYS A 249 32.46 14.71 -5.02
CA LYS A 249 31.98 14.82 -6.38
C LYS A 249 30.46 14.77 -6.36
N VAL A 250 29.84 15.72 -7.01
CA VAL A 250 28.39 15.79 -7.02
C VAL A 250 27.86 14.91 -8.13
N ARG A 251 27.23 13.82 -7.74
CA ARG A 251 26.72 12.87 -8.73
C ARG A 251 25.36 13.30 -9.20
N ASP A 252 24.59 13.93 -8.32
CA ASP A 252 23.25 14.38 -8.64
C ASP A 252 22.85 15.51 -7.72
N LEU A 253 22.22 16.53 -8.31
CA LEU A 253 21.68 17.61 -7.51
C LEU A 253 20.43 18.13 -8.20
N ARG A 254 19.29 18.04 -7.53
CA ARG A 254 18.03 18.50 -8.11
C ARG A 254 17.16 19.28 -7.14
N THR A 255 16.23 20.06 -7.72
CA THR A 255 15.41 21.01 -6.98
C THR A 255 13.91 20.72 -7.20
N TYR A 256 13.15 20.86 -6.12
CA TYR A 256 11.71 20.87 -6.17
C TYR A 256 11.29 22.27 -5.82
N ILE A 257 10.52 22.92 -6.67
CA ILE A 257 10.00 24.25 -6.32
C ILE A 257 8.69 24.10 -5.55
N MET A 258 8.60 24.78 -4.41
CA MET A 258 7.46 24.61 -3.51
C MET A 258 6.21 25.26 -4.13
N PRO A 259 5.19 24.47 -4.47
CA PRO A 259 3.97 25.09 -5.00
C PRO A 259 3.24 25.95 -3.95
N ALA A 260 2.40 26.87 -4.42
CA ALA A 260 1.75 27.84 -3.53
C ALA A 260 0.83 27.15 -2.52
N HIS A 261 0.21 26.03 -2.90
CA HIS A 261 -0.69 25.38 -1.96
C HIS A 261 0.08 24.69 -0.81
N LEU A 262 1.41 24.60 -0.93
CA LEU A 262 2.19 24.04 0.17
C LEU A 262 2.94 25.12 0.93
N GLN A 263 2.69 26.38 0.57
CA GLN A 263 3.27 27.54 1.25
C GLN A 263 2.31 27.93 2.35
N THR A 264 2.59 27.44 3.51
CA THR A 264 1.78 27.65 4.66
C THR A 264 2.42 28.69 5.57
N GLY A 265 1.95 28.80 6.78
CA GLY A 265 2.53 29.73 7.73
C GLY A 265 3.63 29.11 8.56
N VAL A 266 4.06 27.87 8.27
CA VAL A 266 5.00 27.21 9.17
C VAL A 266 6.49 27.51 8.87
N ASP A 267 6.77 28.14 7.74
CA ASP A 267 8.12 28.44 7.30
C ASP A 267 8.02 29.37 6.12
N ASP A 268 9.18 29.75 5.56
CA ASP A 268 9.21 30.51 4.31
C ASP A 268 10.05 29.79 3.24
N VAL A 269 10.00 28.45 3.23
CA VAL A 269 10.76 27.66 2.29
C VAL A 269 10.37 28.01 0.86
N LYS A 270 11.33 28.04 -0.05
CA LYS A 270 11.01 28.31 -1.46
C LYS A 270 11.09 27.04 -2.30
N GLY A 271 11.94 26.11 -1.86
CA GLY A 271 12.19 24.88 -2.59
C GLY A 271 12.85 23.84 -1.73
N VAL A 272 13.05 22.65 -2.29
CA VAL A 272 13.80 21.60 -1.61
C VAL A 272 14.86 21.07 -2.58
N PHE A 273 16.08 20.88 -2.09
CA PHE A 273 17.12 20.25 -2.90
C PHE A 273 17.37 18.82 -2.46
N PHE A 274 17.79 18.00 -3.42
CA PHE A 274 18.32 16.69 -3.12
C PHE A 274 19.68 16.56 -3.76
N ALA A 275 20.69 16.21 -2.95
CA ALA A 275 22.05 15.99 -3.44
C ALA A 275 22.53 14.58 -3.16
N TRP A 276 23.03 13.93 -4.21
CA TRP A 276 23.78 12.69 -4.08
C TRP A 276 25.25 13.03 -4.34
N ALA A 277 26.09 12.83 -3.34
CA ALA A 277 27.51 13.20 -3.40
C ALA A 277 28.37 12.02 -2.99
N GLN A 278 29.56 11.93 -3.61
CA GLN A 278 30.54 10.91 -3.28
C GLN A 278 31.86 11.51 -2.80
N LYS A 279 32.32 11.08 -1.63
CA LYS A 279 33.57 11.56 -1.08
C LYS A 279 34.74 11.02 -1.89
N VAL A 280 35.70 11.88 -2.22
CA VAL A 280 36.90 11.42 -2.91
C VAL A 280 38.12 12.16 -2.38
N SER B 16 -35.58 -30.15 -7.94
CA SER B 16 -34.69 -28.97 -7.96
C SER B 16 -34.88 -28.01 -6.77
N ALA B 17 -36.13 -27.68 -6.49
CA ALA B 17 -36.48 -26.79 -5.38
C ALA B 17 -35.99 -27.21 -3.98
N PRO B 18 -35.95 -28.53 -3.69
CA PRO B 18 -35.50 -28.94 -2.35
C PRO B 18 -34.08 -28.50 -1.99
N GLY B 19 -33.15 -28.79 -2.89
CA GLY B 19 -31.75 -28.50 -2.64
C GLY B 19 -31.60 -27.01 -2.40
N GLN B 20 -32.32 -26.23 -3.20
CA GLN B 20 -32.30 -24.79 -3.08
C GLN B 20 -32.88 -24.31 -1.76
N ALA B 21 -33.89 -25.01 -1.23
CA ALA B 21 -34.53 -24.59 0.00
C ALA B 21 -33.60 -24.86 1.14
N ALA B 22 -32.81 -25.91 1.00
CA ALA B 22 -31.82 -26.24 2.02
C ALA B 22 -30.75 -25.14 2.05
N VAL B 23 -30.32 -24.73 0.88
CA VAL B 23 -29.27 -23.69 0.76
C VAL B 23 -29.76 -22.40 1.41
N ALA B 24 -30.93 -21.92 0.99
CA ALA B 24 -31.48 -20.68 1.55
C ALA B 24 -31.63 -20.73 3.06
N SER B 25 -32.03 -21.88 3.58
CA SER B 25 -32.19 -22.05 5.00
C SER B 25 -30.86 -21.97 5.74
N ALA B 26 -29.85 -22.67 5.22
CA ALA B 26 -28.54 -22.67 5.82
C ALA B 26 -27.95 -21.23 5.84
N TYR B 27 -28.17 -20.48 4.78
CA TYR B 27 -27.66 -19.09 4.70
C TYR B 27 -28.31 -18.12 5.70
N GLN B 28 -29.42 -18.52 6.33
CA GLN B 28 -30.09 -17.65 7.27
C GLN B 28 -29.27 -17.48 8.54
N ARG B 29 -28.29 -18.36 8.74
CA ARG B 29 -27.41 -18.28 9.90
C ARG B 29 -26.03 -17.69 9.56
N PHE B 30 -25.80 -17.37 8.29
CA PHE B 30 -24.50 -16.83 7.82
C PHE B 30 -24.20 -15.52 8.55
N GLU B 31 -23.04 -15.45 9.22
CA GLU B 31 -22.59 -14.27 9.97
C GLU B 31 -21.45 -13.53 9.23
N PRO B 32 -21.76 -12.37 8.65
CA PRO B 32 -20.75 -11.70 7.81
C PRO B 32 -19.43 -11.46 8.51
N ARG B 33 -19.46 -11.03 9.73
CA ARG B 33 -18.23 -10.75 10.45
C ARG B 33 -17.39 -11.97 10.69
N ALA B 34 -18.03 -13.09 10.98
CA ALA B 34 -17.27 -14.32 11.18
C ALA B 34 -16.63 -14.74 9.85
N TYR B 35 -17.44 -14.70 8.79
CA TYR B 35 -16.96 -14.96 7.44
C TYR B 35 -15.77 -14.05 7.10
N LEU B 36 -15.90 -12.77 7.36
CA LEU B 36 -14.75 -11.86 7.14
C LEU B 36 -13.52 -12.26 7.95
N ARG B 37 -13.73 -12.58 9.22
CA ARG B 37 -12.62 -13.00 10.06
C ARG B 37 -11.95 -14.27 9.52
N ASN B 38 -12.75 -15.23 9.08
CA ASN B 38 -12.21 -16.50 8.66
C ASN B 38 -11.39 -16.37 7.39
N ASN B 39 -11.81 -15.49 6.49
CA ASN B 39 -11.26 -15.48 5.15
C ASN B 39 -10.45 -14.23 4.81
N TYR B 40 -10.75 -13.11 5.44
CA TYR B 40 -10.11 -11.88 5.13
C TYR B 40 -9.27 -11.21 6.26
N ALA B 41 -9.12 -11.86 7.40
CA ALA B 41 -8.14 -11.45 8.39
C ALA B 41 -7.06 -12.52 8.39
N PRO B 42 -5.88 -12.22 8.97
CA PRO B 42 -4.80 -13.20 9.02
C PRO B 42 -5.23 -14.51 9.71
N PRO B 43 -4.65 -15.65 9.33
CA PRO B 43 -3.58 -15.84 8.34
C PRO B 43 -4.01 -15.80 6.85
N ARG B 44 -5.25 -16.14 6.52
CA ARG B 44 -5.61 -16.13 5.09
C ARG B 44 -5.59 -14.73 4.51
N GLY B 45 -5.87 -13.75 5.37
CA GLY B 45 -5.85 -12.36 4.95
C GLY B 45 -4.48 -11.71 5.07
N ASP B 46 -3.41 -12.50 5.23
CA ASP B 46 -2.06 -11.94 5.29
C ASP B 46 -1.60 -11.66 3.87
N LEU B 47 -1.44 -10.38 3.56
CA LEU B 47 -1.00 -10.00 2.21
C LEU B 47 0.51 -9.87 2.07
N CYS B 48 1.25 -9.94 3.18
CA CYS B 48 2.71 -9.85 3.11
C CYS B 48 3.39 -11.05 2.47
N ASN B 49 2.79 -12.23 2.61
CA ASN B 49 3.38 -13.42 1.99
C ASN B 49 2.93 -13.54 0.53
N PRO B 50 3.84 -13.33 -0.43
CA PRO B 50 3.43 -13.41 -1.84
C PRO B 50 2.87 -14.78 -2.25
N ASN B 51 3.14 -15.81 -1.44
CA ASN B 51 2.70 -17.16 -1.73
C ASN B 51 1.33 -17.46 -1.13
N GLY B 52 0.74 -16.48 -0.45
CA GLY B 52 -0.58 -16.63 0.14
C GLY B 52 -1.71 -16.52 -0.85
N VAL B 53 -2.91 -16.83 -0.40
CA VAL B 53 -4.06 -16.86 -1.30
C VAL B 53 -4.61 -15.48 -1.62
N GLY B 54 -4.51 -14.54 -0.69
CA GLY B 54 -4.97 -13.19 -0.95
C GLY B 54 -4.23 -12.54 -2.09
N PRO B 55 -2.89 -12.54 -2.01
CA PRO B 55 -2.06 -12.01 -3.09
C PRO B 55 -2.27 -12.73 -4.41
N TRP B 56 -2.42 -14.05 -4.40
CA TRP B 56 -2.73 -14.75 -5.65
C TRP B 56 -4.05 -14.26 -6.27
N LYS B 57 -5.11 -14.14 -5.49
CA LYS B 57 -6.38 -13.66 -6.05
C LYS B 57 -6.25 -12.25 -6.63
N LEU B 58 -5.62 -11.34 -5.89
CA LEU B 58 -5.44 -9.96 -6.35
C LEU B 58 -4.61 -9.89 -7.65
N ARG B 59 -3.60 -10.74 -7.74
CA ARG B 59 -2.74 -10.83 -8.92
CA ARG B 59 -2.75 -10.86 -8.93
C ARG B 59 -3.48 -11.34 -10.17
C ARG B 59 -3.47 -11.33 -10.16
N CYS B 60 -4.34 -12.35 -10.00
CA CYS B 60 -5.14 -12.85 -11.11
C CYS B 60 -5.99 -11.75 -11.66
N LEU B 61 -6.61 -11.00 -10.76
N LEU B 61 -6.59 -11.00 -10.77
CA LEU B 61 -7.52 -9.97 -11.18
CA LEU B 61 -7.51 -9.96 -11.16
C LEU B 61 -6.76 -8.80 -11.81
N ALA B 62 -5.69 -8.35 -11.16
CA ALA B 62 -4.90 -7.22 -11.67
C ALA B 62 -4.27 -7.55 -13.03
N GLN B 63 -3.74 -8.75 -13.16
CA GLN B 63 -3.12 -9.16 -14.42
C GLN B 63 -4.14 -9.26 -15.53
N THR B 64 -5.37 -9.69 -15.20
CA THR B 64 -6.37 -9.85 -16.24
C THR B 64 -6.79 -8.46 -16.72
N PHE B 65 -6.99 -7.54 -15.78
CA PHE B 65 -7.44 -6.20 -16.17
C PHE B 65 -6.31 -5.43 -16.85
N ALA B 66 -5.07 -5.78 -16.54
CA ALA B 66 -3.92 -5.10 -17.14
C ALA B 66 -3.80 -5.38 -18.64
N THR B 67 -4.38 -6.48 -19.12
CA THR B 67 -4.36 -6.74 -20.56
C THR B 67 -5.11 -5.69 -21.38
N GLY B 68 -5.96 -4.88 -20.74
CA GLY B 68 -6.87 -3.96 -21.42
C GLY B 68 -8.04 -4.63 -22.16
N GLU B 69 -8.07 -5.95 -22.18
CA GLU B 69 -9.08 -6.66 -22.95
C GLU B 69 -10.42 -6.78 -22.26
N VAL B 70 -10.48 -6.40 -20.99
CA VAL B 70 -11.71 -6.48 -20.21
C VAL B 70 -12.17 -5.10 -19.76
N SER B 71 -13.07 -4.50 -20.53
CA SER B 71 -13.45 -3.12 -20.30
C SER B 71 -14.85 -2.91 -20.84
N GLY B 72 -15.44 -1.77 -20.50
CA GLY B 72 -16.76 -1.43 -20.98
C GLY B 72 -17.39 -0.45 -20.03
N ARG B 73 -18.70 -0.33 -20.09
CA ARG B 73 -19.37 0.66 -19.30
C ARG B 73 -19.85 0.04 -18.00
N THR B 74 -20.40 -1.18 -18.07
CA THR B 74 -21.07 -1.77 -16.90
C THR B 74 -20.55 -3.16 -16.50
N LEU B 75 -20.51 -3.34 -15.19
CA LEU B 75 -20.00 -4.57 -14.58
C LEU B 75 -20.96 -5.01 -13.48
N ILE B 76 -21.19 -6.30 -13.36
CA ILE B 76 -21.99 -6.81 -12.25
C ILE B 76 -21.16 -7.79 -11.47
N ASP B 77 -21.10 -7.60 -10.16
CA ASP B 77 -20.48 -8.54 -9.24
C ASP B 77 -21.59 -9.44 -8.67
N ILE B 78 -21.44 -10.73 -8.93
CA ILE B 78 -22.45 -11.76 -8.58
C ILE B 78 -22.09 -12.38 -7.26
N GLY B 79 -22.93 -12.18 -6.24
CA GLY B 79 -22.71 -12.74 -4.93
C GLY B 79 -21.53 -12.12 -4.20
N SER B 80 -21.53 -10.77 -4.13
CA SER B 80 -20.48 -10.04 -3.45
C SER B 80 -20.31 -10.42 -2.01
N GLY B 81 -21.35 -10.95 -1.36
CA GLY B 81 -21.27 -11.08 0.08
C GLY B 81 -20.85 -9.74 0.69
N PRO B 82 -20.05 -9.77 1.76
CA PRO B 82 -19.67 -8.54 2.45
C PRO B 82 -18.28 -8.03 2.00
N THR B 83 -17.83 -8.39 0.80
CA THR B 83 -16.46 -8.10 0.38
C THR B 83 -16.37 -7.21 -0.84
N VAL B 84 -15.26 -6.46 -0.97
CA VAL B 84 -15.09 -5.56 -2.12
C VAL B 84 -13.78 -5.77 -2.85
N TYR B 85 -12.92 -6.60 -2.33
CA TYR B 85 -11.62 -6.84 -2.88
C TYR B 85 -11.69 -7.27 -4.33
N GLN B 86 -12.74 -8.01 -4.70
CA GLN B 86 -12.83 -8.55 -6.06
C GLN B 86 -13.06 -7.47 -7.11
N LEU B 87 -13.25 -6.22 -6.66
CA LEU B 87 -13.58 -5.10 -7.55
C LEU B 87 -12.47 -4.02 -7.53
N LEU B 88 -11.42 -4.26 -6.77
CA LEU B 88 -10.37 -3.23 -6.64
C LEU B 88 -9.65 -2.94 -7.95
N SER B 89 -9.21 -3.97 -8.67
CA SER B 89 -8.64 -3.73 -9.99
C SER B 89 -9.66 -3.44 -11.07
N ALA B 90 -10.86 -4.00 -10.94
CA ALA B 90 -11.88 -3.78 -11.95
C ALA B 90 -12.35 -2.34 -12.06
N CYS B 91 -12.35 -1.62 -10.95
CA CYS B 91 -13.11 -0.39 -10.90
C CYS B 91 -12.49 0.73 -11.76
N SER B 92 -11.23 0.62 -12.14
CA SER B 92 -10.70 1.61 -13.10
C SER B 92 -11.18 1.36 -14.54
N HIS B 93 -11.82 0.22 -14.79
CA HIS B 93 -12.20 -0.14 -16.14
C HIS B 93 -13.71 -0.07 -16.41
N PHE B 94 -14.50 0.16 -15.37
CA PHE B 94 -15.94 0.22 -15.53
C PHE B 94 -16.52 1.36 -14.78
N GLU B 95 -17.30 2.19 -15.45
CA GLU B 95 -17.86 3.36 -14.78
C GLU B 95 -19.15 3.07 -14.01
N ASP B 96 -19.78 1.95 -14.28
CA ASP B 96 -21.00 1.57 -13.57
C ASP B 96 -20.87 0.12 -13.06
N ILE B 97 -20.83 0.00 -11.74
CA ILE B 97 -20.69 -1.28 -11.08
C ILE B 97 -21.94 -1.55 -10.23
N THR B 98 -22.52 -2.73 -10.45
CA THR B 98 -23.60 -3.27 -9.63
C THR B 98 -23.01 -4.37 -8.69
N MET B 99 -23.19 -4.24 -7.37
CA MET B 99 -22.83 -5.31 -6.45
C MET B 99 -24.12 -6.03 -6.08
N THR B 100 -24.02 -7.29 -5.67
CA THR B 100 -25.23 -8.07 -5.38
C THR B 100 -25.00 -9.02 -4.24
N ASP B 101 -26.07 -9.31 -3.49
CA ASP B 101 -26.05 -10.50 -2.65
C ASP B 101 -27.43 -10.98 -2.26
N PHE B 102 -27.48 -12.25 -1.92
CA PHE B 102 -28.74 -12.89 -1.54
C PHE B 102 -29.21 -12.37 -0.19
N LEU B 103 -28.25 -12.09 0.70
CA LEU B 103 -28.54 -11.73 2.07
C LEU B 103 -28.53 -10.23 2.34
N GLU B 104 -29.61 -9.76 2.98
CA GLU B 104 -29.67 -8.38 3.46
C GLU B 104 -28.51 -8.02 4.36
N VAL B 105 -28.12 -8.93 5.24
CA VAL B 105 -27.06 -8.62 6.17
C VAL B 105 -25.73 -8.30 5.47
N ASN B 106 -25.48 -8.92 4.32
CA ASN B 106 -24.30 -8.62 3.52
C ASN B 106 -24.45 -7.30 2.78
N ARG B 107 -25.61 -7.08 2.18
CA ARG B 107 -25.85 -5.81 1.53
C ARG B 107 -25.66 -4.62 2.51
N GLN B 108 -26.01 -4.83 3.77
CA GLN B 108 -25.83 -3.81 4.82
C GLN B 108 -24.38 -3.60 5.15
N GLU B 109 -23.62 -4.68 5.15
CA GLU B 109 -22.19 -4.60 5.40
C GLU B 109 -21.51 -3.79 4.28
N LEU B 110 -21.95 -4.02 3.03
CA LEU B 110 -21.43 -3.24 1.90
C LEU B 110 -21.81 -1.76 2.03
N GLY B 111 -23.03 -1.52 2.51
CA GLY B 111 -23.52 -0.19 2.81
C GLY B 111 -22.70 0.57 3.84
N ARG B 112 -22.29 -0.12 4.91
CA ARG B 112 -21.43 0.49 5.90
C ARG B 112 -20.13 0.95 5.25
N TRP B 113 -19.60 0.12 4.36
CA TRP B 113 -18.35 0.41 3.74
C TRP B 113 -18.49 1.53 2.73
N LEU B 114 -19.59 1.52 1.99
CA LEU B 114 -19.87 2.56 0.99
C LEU B 114 -19.96 3.96 1.63
N GLN B 115 -20.44 4.00 2.87
CA GLN B 115 -20.62 5.23 3.61
C GLN B 115 -19.37 5.59 4.37
N GLU B 116 -18.33 4.82 4.22
CA GLU B 116 -17.06 5.10 4.86
C GLU B 116 -17.21 5.16 6.35
N GLU B 117 -18.06 4.30 6.87
CA GLU B 117 -18.26 4.25 8.30
C GLU B 117 -17.10 3.62 8.97
N PRO B 118 -16.81 4.19 10.21
CA PRO B 118 -15.97 3.34 11.04
C PRO B 118 -16.92 2.26 11.51
N GLY B 119 -16.40 1.09 11.73
CA GLY B 119 -17.22 -0.04 12.06
C GLY B 119 -17.46 -0.86 10.83
N ALA B 120 -17.23 -0.26 9.68
CA ALA B 120 -17.15 -1.06 8.45
C ALA B 120 -15.88 -1.86 8.53
N PHE B 121 -15.89 -3.01 7.85
CA PHE B 121 -14.67 -3.76 7.68
C PHE B 121 -13.64 -2.91 6.95
N ASN B 122 -12.39 -3.08 7.35
CA ASN B 122 -11.28 -2.32 6.80
C ASN B 122 -10.58 -3.04 5.67
N TRP B 123 -10.83 -2.60 4.45
CA TRP B 123 -10.26 -3.21 3.27
C TRP B 123 -8.96 -2.55 2.86
N SER B 124 -8.45 -1.62 3.67
CA SER B 124 -7.34 -0.81 3.21
C SER B 124 -6.06 -1.59 2.91
N MET B 125 -5.81 -2.72 3.58
CA MET B 125 -4.65 -3.54 3.24
C MET B 125 -4.79 -4.13 1.81
N TYR B 126 -6.02 -4.54 1.46
CA TYR B 126 -6.29 -5.04 0.12
C TYR B 126 -6.16 -3.91 -0.91
N SER B 127 -6.72 -2.75 -0.62
CA SER B 127 -6.60 -1.59 -1.50
C SER B 127 -5.14 -1.24 -1.76
N GLN B 128 -4.32 -1.21 -0.69
CA GLN B 128 -2.88 -0.93 -0.82
C GLN B 128 -2.21 -1.99 -1.66
N HIS B 129 -2.59 -3.25 -1.47
CA HIS B 129 -1.92 -4.32 -2.18
C HIS B 129 -2.28 -4.23 -3.65
N ALA B 130 -3.54 -3.93 -3.96
CA ALA B 130 -3.96 -3.75 -5.36
C ALA B 130 -3.18 -2.58 -6.03
N CYS B 131 -3.05 -1.46 -5.32
CA CYS B 131 -2.25 -0.34 -5.84
C CYS B 131 -0.81 -0.77 -6.09
N LEU B 132 -0.26 -1.54 -5.17
CA LEU B 132 1.11 -2.01 -5.33
C LEU B 132 1.29 -2.84 -6.57
N ILE B 133 0.41 -3.81 -6.80
CA ILE B 133 0.67 -4.70 -7.90
C ILE B 133 0.22 -4.11 -9.23
N GLU B 134 -0.70 -3.13 -9.21
CA GLU B 134 -1.14 -2.54 -10.47
C GLU B 134 0.00 -1.71 -11.08
N GLY B 135 0.90 -1.24 -10.22
CA GLY B 135 2.12 -0.60 -10.69
C GLY B 135 1.95 0.80 -11.27
N LYS B 136 0.91 1.53 -10.88
CA LYS B 136 0.69 2.87 -11.41
C LYS B 136 0.97 3.97 -10.38
N GLY B 137 1.47 3.62 -9.21
CA GLY B 137 1.71 4.59 -8.15
C GLY B 137 0.48 5.19 -7.53
N GLU B 138 -0.67 4.52 -7.64
CA GLU B 138 -1.90 5.08 -7.10
C GLU B 138 -1.89 4.90 -5.60
N CYS B 139 -2.35 5.87 -4.86
CA CYS B 139 -2.57 5.68 -3.44
C CYS B 139 -3.91 4.99 -3.15
N TRP B 140 -3.96 4.23 -2.08
CA TRP B 140 -5.09 3.38 -1.78
C TRP B 140 -6.32 4.20 -1.48
N GLN B 141 -6.14 5.40 -0.92
CA GLN B 141 -7.29 6.26 -0.70
C GLN B 141 -7.99 6.68 -2.00
N ASP B 142 -7.24 7.00 -3.06
CA ASP B 142 -7.84 7.32 -4.34
C ASP B 142 -8.54 6.07 -4.93
N LYS B 143 -7.92 4.91 -4.73
CA LYS B 143 -8.51 3.68 -5.23
C LYS B 143 -9.91 3.44 -4.60
N GLU B 144 -9.99 3.58 -3.28
CA GLU B 144 -11.25 3.33 -2.59
C GLU B 144 -12.28 4.38 -2.93
N ARG B 145 -11.82 5.63 -3.11
CA ARG B 145 -12.75 6.69 -3.48
C ARG B 145 -13.35 6.34 -4.83
N GLN B 146 -12.53 5.86 -5.74
CA GLN B 146 -13.01 5.53 -7.05
C GLN B 146 -14.00 4.35 -7.03
N LEU B 147 -13.73 3.35 -6.20
CA LEU B 147 -14.63 2.20 -6.13
C LEU B 147 -15.98 2.66 -5.57
N ARG B 148 -15.94 3.46 -4.49
CA ARG B 148 -17.19 3.99 -3.95
C ARG B 148 -17.99 4.83 -4.93
N ALA B 149 -17.33 5.60 -5.78
CA ALA B 149 -18.02 6.44 -6.76
C ALA B 149 -18.68 5.54 -7.83
N ARG B 150 -18.02 4.45 -8.20
CA ARG B 150 -18.47 3.65 -9.36
C ARG B 150 -19.50 2.58 -9.01
N VAL B 151 -19.61 2.25 -7.74
CA VAL B 151 -20.69 1.35 -7.30
C VAL B 151 -22.02 2.10 -7.30
N LYS B 152 -22.90 1.77 -8.25
CA LYS B 152 -24.10 2.58 -8.50
C LYS B 152 -25.36 2.01 -7.86
N ARG B 153 -25.27 0.77 -7.38
CA ARG B 153 -26.36 0.10 -6.72
C ARG B 153 -25.90 -1.23 -6.10
N VAL B 154 -26.60 -1.63 -5.04
CA VAL B 154 -26.36 -2.90 -4.37
C VAL B 154 -27.72 -3.63 -4.34
N LEU B 155 -27.80 -4.80 -4.97
CA LEU B 155 -29.10 -5.37 -5.29
C LEU B 155 -29.25 -6.78 -4.75
N PRO B 156 -30.48 -7.16 -4.38
CA PRO B 156 -30.66 -8.60 -4.12
C PRO B 156 -30.44 -9.44 -5.36
N ILE B 157 -30.03 -10.68 -5.16
CA ILE B 157 -29.83 -11.60 -6.25
C ILE B 157 -30.09 -13.07 -5.79
N ASP B 158 -30.58 -13.90 -6.70
CA ASP B 158 -30.67 -15.36 -6.46
C ASP B 158 -30.24 -16.08 -7.74
N VAL B 159 -29.07 -16.72 -7.73
CA VAL B 159 -28.57 -17.26 -8.98
C VAL B 159 -29.31 -18.51 -9.46
N HIS B 160 -30.19 -19.01 -8.60
CA HIS B 160 -31.01 -20.20 -8.96
C HIS B 160 -32.23 -19.85 -9.77
N GLN B 161 -32.60 -18.57 -9.78
CA GLN B 161 -33.73 -18.09 -10.57
C GLN B 161 -33.29 -17.88 -12.00
N PRO B 162 -34.18 -18.13 -12.96
CA PRO B 162 -33.81 -17.91 -14.36
C PRO B 162 -33.42 -16.47 -14.65
N GLN B 163 -34.03 -15.53 -13.95
CA GLN B 163 -33.59 -14.12 -13.94
C GLN B 163 -33.06 -13.82 -12.54
N PRO B 164 -31.75 -13.90 -12.35
CA PRO B 164 -31.22 -13.80 -10.98
C PRO B 164 -31.52 -12.48 -10.27
N LEU B 165 -31.74 -11.41 -11.03
CA LEU B 165 -32.01 -10.12 -10.45
C LEU B 165 -33.49 -9.76 -10.39
N GLY B 166 -34.36 -10.66 -10.86
CA GLY B 166 -35.79 -10.38 -10.88
C GLY B 166 -36.18 -9.68 -12.16
N ALA B 167 -37.47 -9.41 -12.34
CA ALA B 167 -37.97 -8.86 -13.60
C ALA B 167 -37.86 -7.35 -13.63
N GLY B 168 -37.32 -6.83 -14.74
CA GLY B 168 -37.15 -5.41 -14.92
C GLY B 168 -36.32 -4.77 -13.82
N SER B 169 -35.22 -5.42 -13.46
CA SER B 169 -34.34 -4.94 -12.38
C SER B 169 -33.81 -3.56 -12.69
N PRO B 170 -33.23 -2.90 -11.67
CA PRO B 170 -32.58 -1.60 -11.88
C PRO B 170 -31.34 -1.71 -12.75
N ALA B 171 -30.71 -2.88 -12.73
CA ALA B 171 -29.37 -2.98 -13.28
C ALA B 171 -29.39 -2.81 -14.80
N PRO B 172 -28.40 -2.08 -15.34
CA PRO B 172 -28.28 -1.96 -16.79
C PRO B 172 -27.94 -3.32 -17.36
N LEU B 173 -28.79 -3.83 -18.24
CA LEU B 173 -28.57 -5.14 -18.85
C LEU B 173 -28.69 -5.03 -20.34
N PRO B 174 -27.92 -5.84 -21.10
CA PRO B 174 -26.92 -6.78 -20.58
C PRO B 174 -25.64 -6.06 -20.14
N ALA B 175 -24.89 -6.67 -19.22
CA ALA B 175 -23.65 -6.09 -18.68
C ALA B 175 -22.50 -6.35 -19.62
N ASP B 176 -21.47 -5.52 -19.55
CA ASP B 176 -20.26 -5.77 -20.34
C ASP B 176 -19.36 -6.82 -19.69
N ALA B 177 -19.47 -6.98 -18.39
CA ALA B 177 -18.59 -7.92 -17.69
C ALA B 177 -19.26 -8.42 -16.41
N LEU B 178 -18.89 -9.63 -16.01
CA LEU B 178 -19.29 -10.17 -14.73
C LEU B 178 -18.08 -10.58 -13.93
N VAL B 179 -18.19 -10.40 -12.63
CA VAL B 179 -17.25 -10.93 -11.70
C VAL B 179 -18.01 -11.74 -10.68
N SER B 180 -17.43 -12.83 -10.22
CA SER B 180 -18.08 -13.64 -9.20
C SER B 180 -17.02 -14.43 -8.44
N ALA B 181 -16.95 -14.23 -7.13
CA ALA B 181 -15.97 -14.93 -6.35
C ALA B 181 -16.65 -15.76 -5.25
N PHE B 182 -16.42 -17.06 -5.28
CA PHE B 182 -16.82 -17.96 -4.20
C PHE B 182 -18.32 -17.93 -4.00
N CYS B 183 -19.06 -17.70 -5.07
CA CYS B 183 -20.49 -17.78 -5.00
C CYS B 183 -21.13 -19.08 -5.53
N LEU B 184 -20.90 -19.41 -6.78
CA LEU B 184 -21.71 -20.49 -7.37
C LEU B 184 -21.57 -21.86 -6.68
N GLU B 185 -20.33 -22.27 -6.43
CA GLU B 185 -20.07 -23.54 -5.80
C GLU B 185 -20.53 -23.56 -4.32
N ALA B 186 -20.61 -22.38 -3.70
CA ALA B 186 -21.03 -22.23 -2.30
C ALA B 186 -22.56 -22.19 -2.12
N VAL B 187 -23.31 -22.04 -3.21
CA VAL B 187 -24.77 -22.00 -3.09
C VAL B 187 -25.49 -23.08 -3.91
N SER B 188 -24.72 -24.01 -4.47
CA SER B 188 -25.24 -25.06 -5.35
C SER B 188 -25.09 -26.45 -4.69
N PRO B 189 -26.20 -27.18 -4.48
CA PRO B 189 -26.00 -28.47 -3.79
C PRO B 189 -25.24 -29.53 -4.62
N ASP B 190 -25.28 -29.43 -5.94
CA ASP B 190 -24.61 -30.39 -6.78
C ASP B 190 -24.16 -29.75 -8.05
N LEU B 191 -23.42 -30.50 -8.86
CA LEU B 191 -22.88 -29.98 -10.11
C LEU B 191 -23.98 -29.49 -11.04
N ALA B 192 -25.11 -30.17 -11.09
CA ALA B 192 -26.17 -29.76 -12.01
C ALA B 192 -26.72 -28.38 -11.64
N SER B 193 -26.85 -28.13 -10.35
CA SER B 193 -27.33 -26.83 -9.86
C SER B 193 -26.28 -25.74 -10.24
N PHE B 194 -25.01 -26.07 -10.10
CA PHE B 194 -23.93 -25.19 -10.43
C PHE B 194 -23.97 -24.82 -11.90
N GLN B 195 -24.17 -25.81 -12.77
CA GLN B 195 -24.26 -25.55 -14.19
C GLN B 195 -25.41 -24.62 -14.52
N ARG B 196 -26.59 -24.88 -13.95
CA ARG B 196 -27.77 -24.04 -14.17
C ARG B 196 -27.58 -22.58 -13.65
N ALA B 197 -26.94 -22.47 -12.51
CA ALA B 197 -26.63 -21.16 -11.91
C ALA B 197 -25.73 -20.38 -12.86
N LEU B 198 -24.70 -21.05 -13.39
CA LEU B 198 -23.83 -20.41 -14.38
C LEU B 198 -24.61 -19.98 -15.62
N ASP B 199 -25.49 -20.85 -16.11
CA ASP B 199 -26.36 -20.45 -17.22
C ASP B 199 -27.22 -19.25 -16.85
N HIS B 200 -27.77 -19.24 -15.65
CA HIS B 200 -28.64 -18.15 -15.27
C HIS B 200 -27.89 -16.78 -15.26
N ILE B 201 -26.70 -16.74 -14.66
CA ILE B 201 -25.99 -15.44 -14.60
C ILE B 201 -25.48 -15.08 -16.01
N THR B 202 -25.25 -16.10 -16.84
CA THR B 202 -24.76 -15.85 -18.17
C THR B 202 -25.78 -15.07 -19.01
N THR B 203 -27.05 -15.14 -18.66
CA THR B 203 -28.05 -14.31 -19.35
C THR B 203 -27.84 -12.83 -19.09
N LEU B 204 -27.06 -12.49 -18.05
CA LEU B 204 -26.91 -11.10 -17.67
C LEU B 204 -25.81 -10.43 -18.49
N LEU B 205 -25.07 -11.23 -19.24
CA LEU B 205 -23.84 -10.81 -19.90
C LEU B 205 -24.02 -10.72 -21.41
N ARG B 206 -23.55 -9.61 -21.95
CA ARG B 206 -23.52 -9.37 -23.38
C ARG B 206 -22.73 -10.47 -24.08
N PRO B 207 -23.16 -10.86 -25.30
CA PRO B 207 -22.30 -11.69 -26.14
C PRO B 207 -21.00 -10.96 -26.36
N GLY B 208 -19.89 -11.69 -26.33
CA GLY B 208 -18.60 -11.06 -26.40
C GLY B 208 -18.14 -10.48 -25.06
N GLY B 209 -19.00 -10.49 -24.04
CA GLY B 209 -18.63 -10.00 -22.71
C GLY B 209 -17.74 -10.96 -21.92
N HIS B 210 -17.23 -10.51 -20.78
CA HIS B 210 -16.24 -11.30 -20.03
C HIS B 210 -16.74 -11.65 -18.63
N LEU B 211 -16.41 -12.87 -18.19
CA LEU B 211 -16.72 -13.36 -16.85
C LEU B 211 -15.41 -13.70 -16.16
N LEU B 212 -15.20 -13.14 -14.97
CA LEU B 212 -14.06 -13.48 -14.15
C LEU B 212 -14.62 -14.27 -12.96
N LEU B 213 -14.22 -15.53 -12.85
CA LEU B 213 -14.79 -16.43 -11.86
C LEU B 213 -13.71 -16.93 -10.95
N ILE B 214 -13.90 -16.73 -9.65
CA ILE B 214 -13.02 -17.24 -8.64
C ILE B 214 -13.84 -18.17 -7.76
N GLY B 215 -13.23 -19.26 -7.33
CA GLY B 215 -13.96 -20.17 -6.48
C GLY B 215 -13.09 -21.23 -5.83
N ALA B 216 -13.73 -22.01 -4.96
CA ALA B 216 -13.06 -23.03 -4.19
C ALA B 216 -13.06 -24.38 -4.95
N LEU B 217 -11.94 -25.08 -4.92
CA LEU B 217 -11.78 -26.36 -5.57
C LEU B 217 -11.90 -27.46 -4.50
N GLU B 218 -12.70 -28.48 -4.81
CA GLU B 218 -12.83 -29.68 -3.98
C GLU B 218 -13.16 -29.34 -2.52
N GLU B 219 -14.02 -28.36 -2.32
CA GLU B 219 -14.51 -28.00 -0.99
C GLU B 219 -15.92 -28.57 -0.78
N SER B 220 -16.19 -29.10 0.42
CA SER B 220 -17.52 -29.64 0.74
C SER B 220 -18.24 -28.87 1.86
N TRP B 221 -17.49 -28.07 2.63
CA TRP B 221 -18.09 -27.19 3.64
C TRP B 221 -17.19 -25.99 3.99
N TYR B 222 -17.83 -24.95 4.50
CA TYR B 222 -17.11 -23.89 5.18
C TYR B 222 -17.99 -23.29 6.26
N LEU B 223 -17.34 -22.58 7.19
CA LEU B 223 -17.99 -21.96 8.33
C LEU B 223 -18.16 -20.44 8.22
N ALA B 224 -19.31 -19.96 8.65
CA ALA B 224 -19.56 -18.52 8.75
C ALA B 224 -20.27 -18.22 10.08
N GLY B 225 -19.60 -18.48 11.19
CA GLY B 225 -20.21 -18.36 12.50
C GLY B 225 -20.85 -19.68 12.89
N GLU B 226 -22.06 -19.63 13.43
CA GLU B 226 -22.78 -20.84 13.78
C GLU B 226 -23.06 -21.66 12.51
N ALA B 227 -23.23 -20.94 11.41
CA ALA B 227 -23.54 -21.55 10.12
C ALA B 227 -22.36 -22.37 9.60
N ARG B 228 -22.63 -23.64 9.30
CA ARG B 228 -21.71 -24.51 8.58
C ARG B 228 -22.38 -24.88 7.25
N LEU B 229 -21.87 -24.29 6.17
CA LEU B 229 -22.54 -24.36 4.88
C LEU B 229 -22.02 -25.51 4.08
N THR B 230 -22.90 -26.15 3.34
CA THR B 230 -22.54 -27.26 2.48
C THR B 230 -22.21 -26.72 1.10
N VAL B 231 -21.14 -27.24 0.51
CA VAL B 231 -20.60 -26.74 -0.75
C VAL B 231 -20.49 -27.93 -1.69
N VAL B 232 -20.79 -27.73 -2.98
CA VAL B 232 -20.48 -28.74 -3.97
C VAL B 232 -18.98 -28.78 -4.27
N PRO B 233 -18.33 -29.93 -4.03
CA PRO B 233 -16.92 -30.00 -4.43
C PRO B 233 -16.77 -30.01 -5.95
N VAL B 234 -16.00 -29.08 -6.52
CA VAL B 234 -15.78 -29.05 -7.98
C VAL B 234 -14.31 -29.09 -8.27
N SER B 235 -13.97 -29.61 -9.45
CA SER B 235 -12.59 -29.70 -9.87
C SER B 235 -12.40 -28.69 -10.98
N GLU B 236 -11.15 -28.40 -11.31
CA GLU B 236 -10.84 -27.56 -12.45
C GLU B 236 -11.49 -28.04 -13.72
N GLU B 237 -11.52 -29.36 -13.93
CA GLU B 237 -12.10 -29.93 -15.15
C GLU B 237 -13.58 -29.64 -15.21
N GLU B 238 -14.25 -29.78 -14.07
CA GLU B 238 -15.67 -29.48 -13.97
C GLU B 238 -15.99 -28.01 -14.22
N VAL B 239 -15.13 -27.11 -13.76
CA VAL B 239 -15.37 -25.70 -13.98
C VAL B 239 -15.21 -25.40 -15.46
N ARG B 240 -14.15 -25.93 -16.06
CA ARG B 240 -13.89 -25.68 -17.46
C ARG B 240 -15.08 -26.18 -18.28
N GLU B 241 -15.49 -27.42 -18.02
CA GLU B 241 -16.55 -27.99 -18.84
C GLU B 241 -17.84 -27.21 -18.64
N ALA B 242 -18.10 -26.73 -17.42
CA ALA B 242 -19.29 -25.92 -17.22
C ALA B 242 -19.28 -24.60 -18.01
N LEU B 243 -18.13 -23.94 -18.05
CA LEU B 243 -17.99 -22.71 -18.81
C LEU B 243 -18.25 -22.95 -20.30
N VAL B 244 -17.66 -24.02 -20.82
CA VAL B 244 -17.86 -24.39 -22.22
C VAL B 244 -19.35 -24.64 -22.47
N ARG B 245 -20.00 -25.39 -21.58
CA ARG B 245 -21.42 -25.68 -21.77
C ARG B 245 -22.30 -24.46 -21.69
N SER B 246 -21.87 -23.43 -20.96
CA SER B 246 -22.69 -22.24 -20.86
C SER B 246 -22.43 -21.30 -22.03
N GLY B 247 -21.48 -21.63 -22.90
CA GLY B 247 -21.23 -20.84 -24.09
C GLY B 247 -20.08 -19.85 -23.98
N TYR B 248 -19.07 -20.23 -23.20
CA TYR B 248 -17.87 -19.43 -23.05
C TYR B 248 -16.71 -20.04 -23.76
N LYS B 249 -15.79 -19.18 -24.21
CA LYS B 249 -14.44 -19.60 -24.53
C LYS B 249 -13.59 -19.34 -23.30
N VAL B 250 -12.82 -20.34 -22.90
CA VAL B 250 -11.97 -20.19 -21.71
C VAL B 250 -10.64 -19.57 -22.12
N ARG B 251 -10.37 -18.39 -21.57
CA ARG B 251 -9.15 -17.67 -21.88
C ARG B 251 -8.01 -17.97 -20.92
N ASP B 252 -8.37 -18.24 -19.67
CA ASP B 252 -7.41 -18.51 -18.61
C ASP B 252 -8.15 -19.28 -17.53
N LEU B 253 -7.48 -20.29 -16.99
CA LEU B 253 -8.01 -21.06 -15.88
C LEU B 253 -6.82 -21.51 -15.04
N ARG B 254 -6.66 -20.88 -13.88
CA ARG B 254 -5.51 -21.08 -13.03
C ARG B 254 -5.93 -21.73 -11.75
N THR B 255 -5.03 -22.50 -11.15
CA THR B 255 -5.25 -23.16 -9.87
C THR B 255 -4.20 -22.78 -8.84
N TYR B 256 -4.67 -22.47 -7.64
CA TYR B 256 -3.80 -22.24 -6.49
C TYR B 256 -4.04 -23.40 -5.54
N ILE B 257 -2.97 -24.05 -5.08
CA ILE B 257 -3.11 -25.14 -4.11
C ILE B 257 -2.94 -24.58 -2.72
N MET B 258 -3.93 -24.82 -1.87
CA MET B 258 -3.95 -24.24 -0.55
C MET B 258 -2.81 -24.83 0.30
N PRO B 259 -1.89 -23.99 0.77
CA PRO B 259 -0.83 -24.57 1.60
C PRO B 259 -1.35 -25.03 2.97
N ALA B 260 -0.66 -26.01 3.52
CA ALA B 260 -1.10 -26.69 4.74
C ALA B 260 -1.31 -25.73 5.88
N HIS B 261 -0.43 -24.73 6.00
CA HIS B 261 -0.54 -23.79 7.11
C HIS B 261 -1.75 -22.86 6.99
N LEU B 262 -2.32 -22.76 5.80
CA LEU B 262 -3.57 -22.02 5.62
C LEU B 262 -4.77 -22.95 5.73
N GLN B 263 -4.52 -24.23 5.86
CA GLN B 263 -5.60 -25.20 6.03
C GLN B 263 -5.98 -25.18 7.49
N THR B 264 -6.71 -24.11 7.86
CA THR B 264 -7.24 -23.91 9.19
C THR B 264 -8.54 -24.71 9.23
N GLY B 265 -9.36 -24.52 10.26
CA GLY B 265 -10.55 -25.33 10.39
C GLY B 265 -11.77 -24.63 9.86
N VAL B 266 -11.60 -23.57 9.09
CA VAL B 266 -12.75 -22.78 8.64
C VAL B 266 -13.41 -23.40 7.44
N ASP B 267 -12.71 -24.35 6.81
CA ASP B 267 -13.23 -25.09 5.67
C ASP B 267 -12.37 -26.32 5.36
N ASP B 268 -12.73 -27.05 4.31
CA ASP B 268 -11.91 -28.16 3.85
C ASP B 268 -11.49 -27.92 2.40
N VAL B 269 -11.25 -26.66 2.06
CA VAL B 269 -10.88 -26.31 0.69
C VAL B 269 -9.52 -26.89 0.33
N LYS B 270 -9.35 -27.34 -0.92
CA LYS B 270 -8.05 -27.88 -1.34
C LYS B 270 -7.26 -26.91 -2.22
N GLY B 271 -7.97 -26.01 -2.90
CA GLY B 271 -7.33 -25.01 -3.72
C GLY B 271 -8.36 -24.01 -4.17
N VAL B 272 -7.90 -23.09 -5.02
CA VAL B 272 -8.74 -22.01 -5.49
C VAL B 272 -8.54 -21.93 -6.98
N PHE B 273 -9.61 -21.66 -7.73
CA PHE B 273 -9.51 -21.49 -9.17
C PHE B 273 -9.84 -20.07 -9.56
N PHE B 274 -9.20 -19.62 -10.65
CA PHE B 274 -9.52 -18.37 -11.28
C PHE B 274 -9.71 -18.66 -12.74
N ALA B 275 -10.88 -18.29 -13.25
CA ALA B 275 -11.23 -18.42 -14.66
C ALA B 275 -11.56 -17.06 -15.26
N TRP B 276 -10.98 -16.81 -16.42
CA TRP B 276 -11.33 -15.71 -17.29
C TRP B 276 -11.99 -16.35 -18.50
N ALA B 277 -13.29 -16.08 -18.68
CA ALA B 277 -14.06 -16.66 -19.79
C ALA B 277 -14.71 -15.54 -20.59
N GLN B 278 -14.83 -15.74 -21.89
CA GLN B 278 -15.46 -14.78 -22.76
C GLN B 278 -16.66 -15.42 -23.40
N LYS B 279 -17.81 -14.78 -23.23
CA LYS B 279 -19.07 -15.28 -23.78
C LYS B 279 -19.12 -15.18 -25.31
N VAL B 280 -19.42 -16.30 -25.96
CA VAL B 280 -19.67 -16.30 -27.39
C VAL B 280 -21.16 -16.48 -27.65
O01 JIL C . 15.87 17.59 14.67
C02 JIL C . 16.22 18.96 14.56
C03 JIL C . 17.29 19.33 15.54
C04 JIL C . 18.57 18.96 14.88
O05 JIL C . 18.33 19.16 13.48
C06 JIL C . 16.90 19.45 13.29
C07 JIL C . 16.39 18.95 11.90
S08 JIL C . 14.62 19.14 11.69
C09 JIL C . 14.14 20.74 11.23
C10 JIL C . 14.78 21.25 9.90
N11 JIL C . 14.26 22.60 9.65
C12 JIL C . 14.06 22.88 8.32
C13 JIL C . 12.59 23.06 7.98
N14 JIL C . 12.57 23.53 6.66
C15 JIL C . 11.33 23.47 5.97
C16 JIL C . 10.99 22.01 5.84
C17 JIL C . 10.38 21.57 4.62
C18 JIL C . 10.10 20.19 4.51
N19 JIL C . 9.49 19.70 3.32
O20 JIL C . 9.69 18.32 3.04
O21 JIL C . 8.84 20.50 2.59
C22 JIL C . 10.37 19.27 5.48
C23 JIL C . 10.96 19.68 6.66
C24 JIL C . 11.27 21.11 6.80
C25 JIL C . 11.93 21.62 8.14
N26 JIL C . 19.55 19.87 15.45
C27 JIL C . 20.86 19.44 15.30
C28 JIL C . 21.65 20.44 15.87
N29 JIL C . 20.81 21.45 16.33
C30 JIL C . 19.50 21.07 16.03
C31 JIL C . 23.07 20.25 15.88
N32 JIL C . 23.96 21.26 16.45
N33 JIL C . 23.55 19.12 15.34
C34 JIL C . 22.78 18.19 14.81
N35 JIL C . 21.47 18.32 14.77
O36 JIL C . 17.19 18.65 16.75
H011 JIL C . 15.19 17.49 15.23
H021 JIL C . 15.40 19.53 14.74
H031 JIL C . 17.26 20.28 15.71
H041 JIL C . 18.80 18.05 15.06
H061 JIL C . 16.79 20.40 13.27
H071 JIL C . 16.87 19.49 11.17
H072 JIL C . 16.63 18.00 11.81
H091 JIL C . 14.39 21.33 11.92
H092 JIL C . 13.14 20.76 11.14
H101 JIL C . 14.51 20.66 9.16
H102 JIL C . 15.79 21.25 9.99
H111 JIL C . 14.82 23.22 9.99
H121 JIL C . 14.55 23.69 8.09
H122 JIL C . 14.42 22.12 7.79
H131 JIL C . 12.15 23.74 8.62
H141 JIL C . 13.00 24.40 6.58
H151 JIL C . 11.44 23.85 5.12
H152 JIL C . 10.61 23.93 6.52
H171 JIL C . 10.19 22.17 3.92
H221 JIL C . 10.13 18.30 5.33
H231 JIL C . 11.14 19.08 7.34
H251 JIL C . 11.24 21.66 8.84
H252 JIL C . 12.65 20.94 8.47
H301 JIL C . 18.66 21.60 16.25
H321 JIL C . 24.13 21.26 17.35
H322 JIL C . 24.34 21.88 15.93
H341 JIL C . 23.21 17.36 14.41
H361 JIL C . 16.68 19.15 17.33
C TRS D . 14.39 16.11 9.67
C1 TRS D . 15.25 14.93 9.93
C2 TRS D . 13.01 15.81 10.08
C3 TRS D . 14.21 16.38 8.20
N TRS D . 14.86 17.26 10.44
O1 TRS D . 16.28 14.99 8.99
O2 TRS D . 12.35 16.10 8.88
O3 TRS D . 13.60 15.26 7.68
H11 TRS D . 14.69 14.01 9.80
H12 TRS D . 15.66 14.96 10.93
H21 TRS D . 12.68 16.48 10.89
H22 TRS D . 12.89 14.77 10.37
H31 TRS D . 15.16 16.56 7.72
H32 TRS D . 13.57 17.27 8.04
HN1 TRS D . 14.23 18.06 10.40
HN2 TRS D . 15.17 17.03 11.38
HN3 TRS D . 15.69 17.56 9.95
HO1 TRS D . 16.88 14.23 9.13
HO2 TRS D . 11.38 15.95 8.98
HO3 TRS D . 14.28 14.60 7.44
O01 JIL E . -22.63 -13.87 0.21
C02 JIL E . -22.86 -15.25 0.45
C03 JIL E . -24.28 -15.59 0.24
C04 JIL E . -24.39 -15.72 -1.27
O05 JIL E . -23.14 -16.29 -1.69
C06 JIL E . -22.33 -16.33 -0.49
C07 JIL E . -20.88 -16.40 -0.99
S08 JIL E . -19.62 -16.10 0.26
C09 JIL E . -18.32 -17.18 -0.23
C10 JIL E . -18.66 -18.68 0.05
N11 JIL E . -17.63 -19.56 -0.57
C12 JIL E . -17.38 -20.67 0.23
C13 JIL E . -16.08 -20.60 1.06
N14 JIL E . -15.05 -21.23 0.35
C15 JIL E . -13.77 -21.20 0.95
C16 JIL E . -13.35 -19.76 0.81
C17 JIL E . -12.00 -19.46 0.48
C18 JIL E . -11.67 -18.10 0.33
N19 JIL E . -10.31 -17.75 0.04
O20 JIL E . -10.02 -16.41 -0.39
O21 JIL E . -9.46 -18.64 0.27
C22 JIL E . -12.56 -17.08 0.51
C23 JIL E . -13.88 -17.36 0.81
C24 JIL E . -14.24 -18.76 0.95
C25 JIL E . -15.74 -19.07 1.36
N26 JIL E . -25.55 -16.51 -1.52
C27 JIL E . -26.11 -16.34 -2.78
C28 JIL E . -27.20 -17.23 -2.83
N29 JIL E . -27.26 -17.88 -1.61
C30 JIL E . -26.21 -17.43 -0.82
C31 JIL E . -27.99 -17.26 -4.02
N32 JIL E . -29.14 -18.16 -4.15
N33 JIL E . -27.63 -16.46 -5.03
C34 JIL E . -26.60 -15.61 -4.97
N35 JIL E . -25.83 -15.57 -3.88
O36 JIL E . -25.18 -14.62 0.69
H011 JIL E . -22.74 -13.41 0.97
H021 JIL E . -22.61 -15.48 1.41
H031 JIL E . -24.48 -16.43 0.66
H041 JIL E . -24.49 -14.85 -1.66
H061 JIL E . -22.49 -17.16 -0.07
H071 JIL E . -20.77 -15.67 -1.70
H072 JIL E . -20.73 -17.27 -1.39
H091 JIL E . -18.16 -17.07 -1.16
H092 JIL E . -17.50 -16.94 0.28
H101 JIL E . -18.65 -18.83 1.03
H102 JIL E . -19.58 -18.91 -0.31
H111 JIL E . -16.87 -19.08 -0.69
H121 JIL E . -18.12 -20.80 0.85
H122 JIL E . -17.31 -21.46 -0.37
H131 JIL E . -16.22 -21.10 1.95
H141 JIL E . -15.30 -22.12 0.06
H151 JIL E . -13.84 -21.42 1.86
H152 JIL E . -13.12 -21.79 0.45
H171 JIL E . -11.36 -20.14 0.36
H221 JIL E . -12.26 -16.11 0.41
H231 JIL E . -14.50 -16.68 0.94
H251 JIL E . -16.33 -18.51 0.82
H252 JIL E . -15.88 -18.88 2.36
H301 JIL E . -26.00 -17.73 0.12
H321 JIL E . -29.97 -17.87 -3.91
H322 JIL E . -29.03 -18.99 -4.48
H341 JIL E . -26.38 -15.03 -5.77
H361 JIL E . -25.32 -14.74 1.61
C TRS F . -17.16 -13.31 -1.62
C1 TRS F . -16.01 -13.25 -2.59
C2 TRS F . -18.08 -12.40 -2.27
C3 TRS F . -16.53 -12.88 -0.39
N TRS F . -17.94 -14.56 -1.42
O1 TRS F . -14.77 -13.50 -2.13
O2 TRS F . -18.06 -12.88 -3.57
O3 TRS F . -15.53 -13.80 -0.43
H11 TRS F . -16.22 -13.96 -3.39
H12 TRS F . -16.01 -12.26 -3.06
H21 TRS F . -17.73 -11.37 -2.22
H22 TRS F . -19.08 -12.48 -1.84
H31 TRS F . -17.18 -13.03 0.47
H32 TRS F . -16.17 -11.86 -0.45
HN1 TRS F . -18.69 -14.47 -0.74
HN2 TRS F . -17.37 -15.39 -1.31
HN3 TRS F . -18.41 -14.70 -2.30
HO1 TRS F . -14.33 -14.15 -2.71
HO2 TRS F . -18.66 -12.34 -4.13
HO3 TRS F . -14.95 -13.68 0.35
#